data_1BL0
#
_entry.id   1BL0
#
_cell.length_a   47.100
_cell.length_b   47.100
_cell.length_c   298.200
_cell.angle_alpha   90.00
_cell.angle_beta   90.00
_cell.angle_gamma   90.00
#
_symmetry.space_group_name_H-M   'P 41 21 2'
#
loop_
_entity.id
_entity.type
_entity.pdbx_description
1 polymer "DNA (5'-D(*GP*GP*GP*GP*AP*TP*TP*TP*AP*GP*CP*AP*AP*AP*AP*CP*GP*TP*GP*GP*CP*AP* TP*C)-3')"
2 polymer "DNA (5'-D(*CP*CP*GP*AP*TP*GP*CP*CP*AP*CP*GP*TP*TP*TP*TP*GP*CP*TP*AP*AP*AP*TP* CP*C)-3')"
3 polymer 'PROTEIN (MULTIPLE ANTIBIOTIC RESISTANCE PROTEIN)'
4 water water
#
loop_
_entity_poly.entity_id
_entity_poly.type
_entity_poly.pdbx_seq_one_letter_code
_entity_poly.pdbx_strand_id
1 'polydeoxyribonucleotide'
;(DG)(DG)(DG)(DG)(DA)(DT)(DT)(DT)(DA)(DG)(DC)(DA)(DA)(DA)(DA)(DC)(DG)(DT)(DG)(DG)
(DC)(DA)(DT)(DC)
;
B
2 'polydeoxyribonucleotide'
;(DC)(DC)(DG)(DA)(DT)(DG)(DC)(DC)(DA)(DC)(DG)(DT)(DT)(DT)(DT)(DG)(DC)(DT)(DA)(DA)
(DA)(DT)(DC)(DC)
;
C
3 'polypeptide(L)'
;MTMSRRNTDAITIHSILDWIEDNLESPLSLEKVSERSGYSKWHLQRMFKKETGHSLGQYIRSRKMTEIAQKLKESNEPIL
YLAERYGFESQQTLTRTFKNYFDVPPHKYRMTNMQGESRFLHPLNHYNS
;
A
#
# COMPACT_ATOMS: atom_id res chain seq x y z
N ASP C 9 -8.10 20.18 8.39
CA ASP C 9 -7.42 18.88 8.11
C ASP C 9 -7.08 18.75 6.61
N ALA C 10 -8.05 19.15 5.76
CA ALA C 10 -7.91 19.06 4.31
C ALA C 10 -6.51 19.42 3.93
N ILE C 11 -6.00 20.53 4.48
CA ILE C 11 -4.66 20.98 4.16
C ILE C 11 -3.54 20.03 4.69
N THR C 12 -3.67 19.50 5.89
CA THR C 12 -2.65 18.63 6.46
C THR C 12 -2.82 17.19 6.01
N ILE C 13 -4.07 16.75 5.91
CA ILE C 13 -4.32 15.40 5.44
C ILE C 13 -3.87 15.27 4.00
N HIS C 14 -4.13 16.34 3.20
CA HIS C 14 -3.74 16.39 1.78
C HIS C 14 -2.22 16.32 1.64
N SER C 15 -1.53 16.60 2.74
CA SER C 15 -0.09 16.53 2.77
C SER C 15 0.42 15.12 3.14
N ILE C 16 0.03 14.61 4.33
CA ILE C 16 0.37 13.24 4.74
C ILE C 16 0.22 12.23 3.57
N LEU C 17 -0.78 12.45 2.74
CA LEU C 17 -0.98 11.69 1.52
C LEU C 17 0.35 11.68 0.66
N ASP C 18 0.91 12.88 0.34
CA ASP C 18 2.12 12.93 -0.49
C ASP C 18 3.24 12.24 0.21
N TRP C 19 3.35 12.51 1.49
CA TRP C 19 4.43 11.88 2.19
C TRP C 19 4.31 10.38 2.09
N ILE C 20 3.07 9.86 2.05
CA ILE C 20 2.90 8.43 1.98
C ILE C 20 3.36 7.88 0.64
N GLU C 21 2.87 8.47 -0.45
CA GLU C 21 3.24 7.97 -1.77
C GLU C 21 4.73 8.18 -1.97
N ASP C 22 5.23 9.19 -1.32
CA ASP C 22 6.66 9.46 -1.35
C ASP C 22 7.39 8.48 -0.42
N ASN C 23 6.69 7.40 -0.03
CA ASN C 23 7.29 6.44 0.88
C ASN C 23 6.97 4.96 0.58
N LEU C 24 5.72 4.46 0.85
CA LEU C 24 5.41 3.00 0.72
C LEU C 24 6.55 2.22 0.15
N GLU C 25 6.90 2.58 -1.09
CA GLU C 25 7.97 1.98 -1.88
C GLU C 25 9.16 1.46 -1.08
N SER C 26 9.14 1.61 0.22
CA SER C 26 10.16 0.99 1.02
C SER C 26 9.77 0.95 2.47
N PRO C 27 9.18 2.00 2.98
CA PRO C 27 8.81 2.06 4.37
C PRO C 27 7.78 1.07 4.74
N LEU C 28 7.79 0.76 6.00
CA LEU C 28 6.76 -0.03 6.60
C LEU C 28 5.57 0.86 6.88
N SER C 29 5.72 2.14 6.60
CA SER C 29 4.62 3.10 6.80
C SER C 29 3.48 2.58 7.74
N LEU C 30 3.83 2.25 8.97
CA LEU C 30 2.83 1.83 9.94
C LEU C 30 2.16 3.04 10.56
N GLU C 31 1.00 2.86 11.17
CA GLU C 31 0.23 3.97 11.75
C GLU C 31 1.10 4.87 12.65
N LYS C 32 2.02 4.24 13.39
CA LYS C 32 2.90 4.97 14.27
C LYS C 32 3.82 5.84 13.44
N VAL C 33 4.67 5.22 12.61
CA VAL C 33 5.59 5.99 11.75
C VAL C 33 4.82 7.08 11.02
N SER C 34 3.58 6.80 10.68
CA SER C 34 2.79 7.78 9.99
C SER C 34 2.32 8.84 10.98
N GLU C 35 2.15 8.40 12.24
CA GLU C 35 1.78 9.29 13.32
C GLU C 35 2.80 10.44 13.43
N ARG C 36 4.11 10.09 13.57
CA ARG C 36 5.22 11.04 13.71
C ARG C 36 4.91 12.33 13.02
N SER C 37 4.52 12.24 11.79
CA SER C 37 4.18 13.43 11.12
C SER C 37 2.76 13.89 11.51
N GLY C 38 2.70 14.87 12.42
CA GLY C 38 1.42 15.40 12.83
C GLY C 38 1.06 15.09 14.28
N TYR C 39 -0.17 14.64 14.47
CA TYR C 39 -0.75 14.37 15.77
C TYR C 39 -0.60 12.90 16.22
N SER C 40 -1.53 12.46 17.11
CA SER C 40 -1.60 11.09 17.68
C SER C 40 -2.22 10.16 16.67
N LYS C 41 -1.85 8.89 16.72
CA LYS C 41 -2.32 7.98 15.72
C LYS C 41 -3.83 8.01 15.61
N TRP C 42 -4.50 8.03 16.75
CA TRP C 42 -5.95 8.02 16.81
C TRP C 42 -6.55 9.26 16.12
N HIS C 43 -5.89 10.40 16.30
CA HIS C 43 -6.37 11.65 15.71
C HIS C 43 -6.16 11.68 14.20
N LEU C 44 -4.89 11.57 13.78
CA LEU C 44 -4.53 11.48 12.37
C LEU C 44 -5.55 10.58 11.67
N GLN C 45 -5.89 9.48 12.31
CA GLN C 45 -6.83 8.56 11.76
C GLN C 45 -8.20 9.22 11.63
N ARG C 46 -8.65 9.83 12.73
CA ARG C 46 -9.95 10.54 12.73
C ARG C 46 -10.02 11.52 11.56
N MET C 47 -9.04 12.45 11.48
CA MET C 47 -8.99 13.48 10.45
C MET C 47 -9.06 12.87 9.06
N PHE C 48 -8.09 11.99 8.77
CA PHE C 48 -7.93 11.28 7.48
C PHE C 48 -9.18 10.52 7.06
N LYS C 49 -9.87 9.87 8.01
CA LYS C 49 -11.10 9.17 7.65
C LYS C 49 -12.14 10.16 7.21
N LYS C 50 -12.36 11.15 8.05
CA LYS C 50 -13.35 12.15 7.77
C LYS C 50 -12.96 12.90 6.53
N GLU C 51 -11.66 13.02 6.31
CA GLU C 51 -11.12 13.76 5.18
C GLU C 51 -11.24 13.02 3.84
N THR C 52 -10.95 11.66 3.85
CA THR C 52 -10.92 10.78 2.64
C THR C 52 -12.00 9.64 2.61
N GLY C 53 -12.66 9.37 3.78
CA GLY C 53 -13.63 8.27 3.92
C GLY C 53 -12.96 6.88 3.88
N HIS C 54 -11.63 6.93 3.93
CA HIS C 54 -10.76 5.76 3.83
C HIS C 54 -9.95 5.61 5.10
N SER C 55 -10.01 4.44 5.75
CA SER C 55 -9.19 4.22 6.93
C SER C 55 -7.71 4.32 6.55
N LEU C 56 -6.90 5.06 7.29
CA LEU C 56 -5.49 5.16 6.95
C LEU C 56 -4.85 3.76 6.71
N GLY C 57 -5.00 2.85 7.67
CA GLY C 57 -4.35 1.54 7.56
C GLY C 57 -4.54 0.79 6.22
N GLN C 58 -5.81 0.62 5.81
CA GLN C 58 -6.22 -0.11 4.62
C GLN C 58 -5.93 0.65 3.31
N TYR C 59 -5.76 1.96 3.43
CA TYR C 59 -5.40 2.78 2.28
C TYR C 59 -3.92 2.57 1.96
N ILE C 60 -3.09 2.62 2.98
CA ILE C 60 -1.69 2.41 2.73
C ILE C 60 -1.47 1.07 2.13
N ARG C 61 -2.13 0.08 2.69
CA ARG C 61 -1.96 -1.27 2.21
C ARG C 61 -2.54 -1.40 0.83
N SER C 62 -3.65 -0.74 0.59
CA SER C 62 -4.26 -0.80 -0.74
C SER C 62 -3.33 -0.20 -1.76
N ARG C 63 -2.56 0.81 -1.33
CA ARG C 63 -1.62 1.45 -2.21
C ARG C 63 -0.39 0.57 -2.48
N LYS C 64 0.09 -0.13 -1.45
CA LYS C 64 1.25 -1.05 -1.62
C LYS C 64 0.87 -2.26 -2.50
N MET C 65 -0.37 -2.76 -2.30
CA MET C 65 -0.82 -3.90 -3.10
C MET C 65 -1.03 -3.45 -4.53
N THR C 66 -1.60 -2.28 -4.72
CA THR C 66 -1.77 -1.88 -6.11
C THR C 66 -0.41 -1.64 -6.80
N GLU C 67 0.55 -1.08 -6.08
CA GLU C 67 1.89 -0.82 -6.66
C GLU C 67 2.69 -2.10 -6.93
N ILE C 68 2.60 -3.09 -6.03
CA ILE C 68 3.27 -4.36 -6.23
C ILE C 68 2.66 -5.09 -7.40
N ALA C 69 1.39 -4.83 -7.63
CA ALA C 69 0.67 -5.47 -8.73
C ALA C 69 1.13 -4.97 -10.10
N GLN C 70 1.39 -3.66 -10.21
CA GLN C 70 1.84 -3.05 -11.44
C GLN C 70 3.27 -3.41 -11.79
N LYS C 71 4.10 -3.66 -10.76
CA LYS C 71 5.48 -4.06 -10.98
C LYS C 71 5.54 -5.54 -11.34
N LEU C 72 4.62 -6.33 -10.82
CA LEU C 72 4.65 -7.72 -11.17
C LEU C 72 4.38 -7.86 -12.65
N LYS C 73 3.73 -6.89 -13.21
CA LYS C 73 3.36 -6.98 -14.59
C LYS C 73 4.19 -6.10 -15.49
N GLU C 74 4.83 -5.07 -14.94
CA GLU C 74 5.61 -4.16 -15.81
C GLU C 74 7.10 -4.40 -15.66
N SER C 75 7.47 -5.45 -14.91
CA SER C 75 8.86 -5.70 -14.63
C SER C 75 9.03 -7.09 -14.12
N ASN C 76 10.31 -7.50 -13.96
CA ASN C 76 10.62 -8.82 -13.48
C ASN C 76 11.27 -8.87 -12.11
N GLU C 77 11.21 -7.78 -11.38
CA GLU C 77 11.76 -7.78 -10.02
C GLU C 77 11.19 -8.97 -9.27
N PRO C 78 12.03 -9.86 -8.78
CA PRO C 78 11.57 -11.03 -8.04
C PRO C 78 10.65 -10.65 -6.88
N ILE C 79 9.63 -11.46 -6.65
CA ILE C 79 8.70 -11.14 -5.62
C ILE C 79 9.33 -11.10 -4.21
N LEU C 80 10.43 -11.83 -3.97
CA LEU C 80 11.08 -11.67 -2.66
C LEU C 80 11.66 -10.27 -2.60
N TYR C 81 12.19 -9.80 -3.70
CA TYR C 81 12.75 -8.49 -3.63
C TYR C 81 11.66 -7.44 -3.48
N LEU C 82 10.48 -7.77 -3.97
CA LEU C 82 9.36 -6.84 -3.88
C LEU C 82 8.81 -6.86 -2.45
N ALA C 83 8.81 -8.04 -1.85
CA ALA C 83 8.37 -8.18 -0.48
C ALA C 83 9.20 -7.29 0.45
N GLU C 84 10.52 -7.45 0.39
CA GLU C 84 11.52 -6.70 1.21
C GLU C 84 11.47 -5.18 0.95
N ARG C 85 11.31 -4.81 -0.31
CA ARG C 85 11.30 -3.43 -0.74
C ARG C 85 10.04 -2.67 -0.33
N TYR C 86 8.92 -3.36 -0.13
CA TYR C 86 7.75 -2.60 0.31
C TYR C 86 7.44 -2.79 1.77
N GLY C 87 8.33 -3.48 2.50
CA GLY C 87 8.20 -3.47 3.97
C GLY C 87 7.73 -4.75 4.58
N PHE C 88 7.70 -5.81 3.79
CA PHE C 88 7.22 -7.07 4.27
C PHE C 88 8.38 -7.89 4.79
N GLU C 89 8.17 -8.54 5.93
CA GLU C 89 9.21 -9.30 6.56
C GLU C 89 9.55 -10.55 5.80
N SER C 90 8.80 -10.85 4.75
CA SER C 90 9.10 -12.05 3.94
C SER C 90 8.19 -12.22 2.71
N GLN C 91 8.46 -13.25 1.94
CA GLN C 91 7.68 -13.52 0.75
C GLN C 91 6.31 -14.04 1.12
N GLN C 92 6.29 -14.97 2.09
CA GLN C 92 5.09 -15.59 2.60
C GLN C 92 4.13 -14.56 3.11
N THR C 93 4.64 -13.59 3.84
CA THR C 93 3.79 -12.52 4.36
C THR C 93 3.17 -11.70 3.24
N LEU C 94 3.97 -11.41 2.21
CA LEU C 94 3.47 -10.65 1.07
C LEU C 94 2.57 -11.51 0.22
N THR C 95 2.95 -12.76 0.04
CA THR C 95 2.16 -13.71 -0.68
C THR C 95 0.74 -13.77 -0.09
N ARG C 96 0.62 -13.91 1.23
CA ARG C 96 -0.73 -13.96 1.85
C ARG C 96 -1.50 -12.62 1.78
N THR C 97 -0.82 -11.51 1.99
CA THR C 97 -1.48 -10.20 1.88
C THR C 97 -1.98 -9.96 0.43
N PHE C 98 -1.09 -10.20 -0.53
CA PHE C 98 -1.44 -10.04 -1.92
C PHE C 98 -2.67 -10.88 -2.22
N LYS C 99 -2.62 -12.16 -1.81
CA LYS C 99 -3.68 -13.17 -2.07
C LYS C 99 -5.03 -12.72 -1.51
N ASN C 100 -4.94 -12.10 -0.36
CA ASN C 100 -6.06 -11.56 0.38
C ASN C 100 -6.66 -10.32 -0.29
N TYR C 101 -5.84 -9.55 -0.97
CA TYR C 101 -6.30 -8.32 -1.58
C TYR C 101 -6.78 -8.55 -2.99
N PHE C 102 -6.17 -9.53 -3.70
CA PHE C 102 -6.46 -9.82 -5.12
C PHE C 102 -7.11 -11.18 -5.36
N ASP C 103 -6.98 -12.10 -4.41
CA ASP C 103 -7.55 -13.46 -4.55
C ASP C 103 -6.75 -14.32 -5.55
N VAL C 104 -5.52 -13.87 -5.78
CA VAL C 104 -4.55 -14.49 -6.65
C VAL C 104 -3.17 -14.19 -6.08
N PRO C 105 -2.30 -15.20 -5.85
CA PRO C 105 -0.97 -14.97 -5.30
C PRO C 105 -0.22 -14.15 -6.30
N PRO C 106 0.95 -13.63 -5.90
CA PRO C 106 1.78 -12.75 -6.73
C PRO C 106 2.32 -13.34 -8.02
N HIS C 107 2.91 -14.51 -7.98
CA HIS C 107 3.46 -15.07 -9.19
C HIS C 107 2.39 -15.37 -10.23
N LYS C 108 1.35 -16.11 -9.80
CA LYS C 108 0.20 -16.40 -10.68
C LYS C 108 -0.37 -15.09 -11.25
N TYR C 109 -0.45 -14.04 -10.44
CA TYR C 109 -0.91 -12.74 -10.94
C TYR C 109 0.08 -12.18 -11.97
N ARG C 110 1.35 -12.48 -11.77
CA ARG C 110 2.38 -11.98 -12.65
C ARG C 110 2.24 -12.56 -14.04
N MET C 111 1.90 -13.83 -14.11
CA MET C 111 1.85 -14.54 -15.40
C MET C 111 0.44 -14.62 -16.02
N THR C 112 -0.39 -13.59 -15.90
CA THR C 112 -1.71 -13.66 -16.50
C THR C 112 -2.08 -12.37 -17.15
N ASN C 113 -2.56 -12.45 -18.37
CA ASN C 113 -2.87 -11.25 -19.14
C ASN C 113 -4.20 -10.66 -18.70
N MET C 114 -5.29 -11.41 -18.91
CA MET C 114 -6.67 -10.95 -18.62
C MET C 114 -6.75 -10.20 -17.31
N GLN C 115 -6.11 -10.78 -16.27
CA GLN C 115 -6.03 -10.12 -14.97
C GLN C 115 -5.65 -8.67 -15.24
N GLY C 116 -6.58 -7.73 -14.92
CA GLY C 116 -6.38 -6.32 -15.22
C GLY C 116 -6.25 -5.37 -14.03
N GLU C 117 -6.58 -4.11 -14.31
CA GLU C 117 -6.49 -3.01 -13.36
C GLU C 117 -7.44 -3.21 -12.19
N SER C 118 -8.21 -4.26 -12.31
CA SER C 118 -9.15 -4.65 -11.29
C SER C 118 -8.55 -4.51 -9.86
N ARG C 119 -9.27 -3.73 -9.00
CA ARG C 119 -9.01 -3.44 -7.57
C ARG C 119 -7.86 -2.46 -7.30
N PHE C 120 -7.35 -1.86 -8.34
CA PHE C 120 -6.28 -0.93 -8.12
C PHE C 120 -6.80 0.32 -7.41
N LEU C 121 -6.08 0.80 -6.41
CA LEU C 121 -6.41 2.07 -5.76
C LEU C 121 -5.34 3.14 -6.12
N HIS C 122 -5.74 4.32 -6.50
CA HIS C 122 -4.74 5.29 -6.85
C HIS C 122 -4.58 6.42 -5.81
N PRO C 123 -3.33 6.99 -5.75
CA PRO C 123 -2.82 8.05 -4.85
C PRO C 123 -3.65 8.89 -3.82
N LEU C 124 -4.98 8.81 -3.74
CA LEU C 124 -5.61 9.68 -2.70
C LEU C 124 -6.80 9.08 -1.91
#